data_7SLX
#
_entry.id   7SLX
#
_cell.length_a   64.550
_cell.length_b   111.830
_cell.length_c   147.530
_cell.angle_alpha   90.000
_cell.angle_beta   90.000
_cell.angle_gamma   90.000
#
_symmetry.space_group_name_H-M   'I 2 2 2'
#
loop_
_entity.id
_entity.type
_entity.pdbx_description
1 polymer Pantetheinase
2 branched beta-D-mannopyranose-(1-4)-2-acetamido-2-deoxy-beta-D-glucopyranose-(1-4)-2-acetamido-2-deoxy-beta-D-glucopyranose
3 branched beta-D-mannopyranose-(1-3)-beta-D-mannopyranose-(1-6)-[beta-D-mannopyranose-(1-3)]beta-D-mannopyranose-(1-4)-2-acetamido-2-deoxy-beta-D-glucopyranose-(1-4)-2-acetamido-2-deoxy-beta-D-glucopyranose
4 non-polymer 2-acetamido-2-deoxy-beta-D-glucopyranose
5 non-polymer (3R)-1-(2-{[1-(pyrimidin-5-yl)cyclopropyl]amino}pyrimidine-5-carbonyl)piperidine-3-carbonitrile
6 non-polymer 'SODIUM ION'
7 water water
#
_entity_poly.entity_id   1
_entity_poly.type   'polypeptide(L)'
_entity_poly.pdbx_seq_one_letter_code
;GSGHHHHHHGSGDYKDDDDKQDTFTAAVYEHAAILPNATLTPVSREEALALMNRNLDILEGAITSAADQGAHIIVTPEDA
IYGWNFNRDSLYPYLEDIPDPEVNWIPCNNRNRFGQTPVQERLSCLAKNNSIYVVANIGDKKPCDTSDPQCPPDGRYQYN
TDVVFDSQGKLVARYHKQNLFMGENQFNVPKEPEIVTFNTTFGSFGIFT(CSO)FDILFHDPAVTLVKDFHVDTIVFPTA
WMNVLPHLSAVEFHSAWAMGMRVNFLASNIHYPSKKMTGSGIYAPNSSRAFHYDMKTEEGKLLLSQLDSHPSHSAVVNWT
SYASSIEALSSGNKEFKGTVFFDEFTFVKLTGVAGNYTVCQKDLCCHLSYKMSENIPNEVYALGAFDGLHTVEGRYYLQI
CTLLKCKTTNLNTCGDSAETASTRFEMFSLSGTFGTQYVFPEVLLSENQLAPGEFQVSTDGRLFSLKPTSGPVLTVTLFG
RLYEKD
;
_entity_poly.pdbx_strand_id   A
#
loop_
_chem_comp.id
_chem_comp.type
_chem_comp.name
_chem_comp.formula
9SS non-polymer (3R)-1-(2-{[1-(pyrimidin-5-yl)cyclopropyl]amino}pyrimidine-5-carbonyl)piperidine-3-carbonitrile 'C18 H19 N7 O'
BMA D-saccharide, beta linking beta-D-mannopyranose 'C6 H12 O6'
NA non-polymer 'SODIUM ION' 'Na 1'
NAG D-saccharide, beta linking 2-acetamido-2-deoxy-beta-D-glucopyranose 'C8 H15 N O6'
#
# COMPACT_ATOMS: atom_id res chain seq x y z
N ASP A 22 9.54 -17.07 -17.50
CA ASP A 22 9.17 -15.76 -18.01
C ASP A 22 9.30 -14.70 -16.89
N THR A 23 10.09 -13.65 -17.18
CA THR A 23 10.32 -12.51 -16.29
C THR A 23 10.01 -11.21 -17.04
N PHE A 24 9.94 -10.08 -16.32
CA PHE A 24 9.73 -8.76 -16.90
C PHE A 24 10.37 -7.76 -15.98
N THR A 25 10.67 -6.56 -16.47
CA THR A 25 11.26 -5.50 -15.67
C THR A 25 10.14 -4.54 -15.30
N ALA A 26 9.97 -4.36 -14.00
CA ALA A 26 8.93 -3.50 -13.41
C ALA A 26 9.54 -2.15 -13.01
N ALA A 27 8.75 -1.07 -13.08
CA ALA A 27 9.23 0.24 -12.63
C ALA A 27 8.19 0.99 -11.80
N VAL A 28 8.66 1.66 -10.74
CA VAL A 28 7.80 2.53 -9.93
C VAL A 28 8.50 3.88 -9.75
N TYR A 29 7.72 4.92 -9.68
CA TYR A 29 8.25 6.24 -9.50
C TYR A 29 7.64 6.93 -8.30
N GLU A 30 8.48 7.33 -7.36
CA GLU A 30 8.08 8.12 -6.18
C GLU A 30 8.19 9.57 -6.68
N HIS A 31 7.09 10.33 -6.61
CA HIS A 31 6.95 11.65 -7.19
C HIS A 31 6.85 12.81 -6.22
N ALA A 32 7.79 13.79 -6.29
CA ALA A 32 7.70 15.03 -5.50
C ALA A 32 6.80 15.92 -6.33
N ALA A 33 5.50 15.90 -6.04
CA ALA A 33 4.50 16.61 -6.83
C ALA A 33 4.47 18.11 -6.63
N ILE A 34 4.08 18.81 -7.71
CA ILE A 34 3.83 20.25 -7.79
C ILE A 34 2.36 20.36 -7.47
N LEU A 35 2.04 20.94 -6.31
CA LEU A 35 0.66 21.09 -5.85
C LEU A 35 0.03 22.42 -6.28
N PRO A 36 -1.30 22.49 -6.56
CA PRO A 36 -1.91 23.78 -6.93
C PRO A 36 -1.82 24.80 -5.80
N ASN A 37 -1.62 26.10 -6.17
CA ASN A 37 -1.48 27.23 -5.24
C ASN A 37 -2.52 27.20 -4.11
N ALA A 38 -3.80 26.90 -4.46
CA ALA A 38 -4.93 26.75 -3.53
C ALA A 38 -5.32 28.04 -2.74
N THR A 39 -6.62 28.42 -2.68
CA THR A 39 -7.78 27.79 -3.32
C THR A 39 -8.82 28.88 -3.61
N LEU A 40 -9.73 29.12 -2.62
CA LEU A 40 -10.84 30.08 -2.60
C LEU A 40 -11.82 29.95 -3.78
N THR A 41 -11.40 30.36 -5.00
CA THR A 41 -12.24 30.26 -6.20
C THR A 41 -11.69 29.17 -7.16
N PRO A 42 -12.53 28.20 -7.63
CA PRO A 42 -12.05 27.19 -8.59
C PRO A 42 -11.30 27.79 -9.79
N VAL A 43 -10.16 27.18 -10.19
CA VAL A 43 -9.35 27.67 -11.31
C VAL A 43 -10.01 27.41 -12.67
N SER A 44 -9.46 27.98 -13.73
CA SER A 44 -9.98 27.75 -15.07
C SER A 44 -9.30 26.50 -15.61
N ARG A 45 -9.90 25.87 -16.66
CA ARG A 45 -9.38 24.66 -17.28
C ARG A 45 -7.94 24.87 -17.76
N GLU A 46 -7.64 26.07 -18.28
CA GLU A 46 -6.33 26.46 -18.77
C GLU A 46 -5.30 26.47 -17.64
N GLU A 47 -5.71 26.99 -16.46
CA GLU A 47 -4.89 27.04 -15.25
C GLU A 47 -4.70 25.63 -14.67
N ALA A 48 -5.77 24.81 -14.63
CA ALA A 48 -5.75 23.43 -14.13
C ALA A 48 -4.84 22.56 -15.01
N LEU A 49 -4.97 22.69 -16.35
CA LEU A 49 -4.15 21.98 -17.32
C LEU A 49 -2.68 22.34 -17.29
N ALA A 50 -2.37 23.65 -17.09
CA ALA A 50 -1.00 24.16 -17.01
C ALA A 50 -0.25 23.47 -15.87
N LEU A 51 -0.89 23.34 -14.70
CA LEU A 51 -0.35 22.67 -13.52
C LEU A 51 -0.12 21.17 -13.81
N MET A 52 -1.18 20.50 -14.35
CA MET A 52 -1.16 19.08 -14.70
C MET A 52 -0.02 18.75 -15.64
N ASN A 53 0.25 19.66 -16.59
CA ASN A 53 1.38 19.55 -17.52
C ASN A 53 2.73 19.71 -16.83
N ARG A 54 2.82 20.59 -15.83
CA ARG A 54 4.06 20.76 -15.03
C ARG A 54 4.47 19.44 -14.33
N ASN A 55 3.48 18.71 -13.80
CA ASN A 55 3.66 17.38 -13.19
C ASN A 55 3.95 16.29 -14.23
N LEU A 56 3.18 16.34 -15.36
CA LEU A 56 3.29 15.39 -16.47
C LEU A 56 4.68 15.39 -17.13
N ASP A 57 5.37 16.58 -17.18
CA ASP A 57 6.75 16.76 -17.70
C ASP A 57 7.72 16.02 -16.80
N ILE A 58 7.48 16.04 -15.46
CA ILE A 58 8.31 15.30 -14.49
C ILE A 58 8.09 13.79 -14.68
N LEU A 59 6.83 13.35 -14.82
CA LEU A 59 6.52 11.92 -15.03
C LEU A 59 7.03 11.43 -16.39
N GLU A 60 7.03 12.32 -17.40
CA GLU A 60 7.59 12.04 -18.74
C GLU A 60 9.07 11.68 -18.58
N GLY A 61 9.80 12.47 -17.77
CA GLY A 61 11.18 12.19 -17.43
C GLY A 61 11.40 10.79 -16.88
N ALA A 62 10.51 10.32 -15.98
CA ALA A 62 10.62 8.98 -15.36
C ALA A 62 10.24 7.86 -16.31
N ILE A 63 9.14 8.04 -17.07
CA ILE A 63 8.62 7.06 -18.05
C ILE A 63 9.71 6.76 -19.15
N THR A 64 10.37 7.82 -19.68
CA THR A 64 11.46 7.72 -20.66
C THR A 64 12.67 6.94 -20.11
N SER A 65 13.15 7.24 -18.85
CA SER A 65 14.29 6.49 -18.26
C SER A 65 13.95 5.05 -18.00
N ALA A 66 12.74 4.80 -17.43
CA ALA A 66 12.25 3.44 -17.15
C ALA A 66 12.27 2.60 -18.45
N ALA A 67 11.67 3.15 -19.54
CA ALA A 67 11.64 2.53 -20.85
C ALA A 67 13.08 2.36 -21.41
N ASP A 68 13.94 3.43 -21.32
CA ASP A 68 15.36 3.36 -21.73
C ASP A 68 16.13 2.26 -20.94
N GLN A 69 15.69 1.95 -19.71
CA GLN A 69 16.32 0.90 -18.91
C GLN A 69 15.65 -0.47 -19.03
N GLY A 70 14.85 -0.65 -20.08
CA GLY A 70 14.20 -1.94 -20.34
C GLY A 70 12.94 -2.32 -19.56
N ALA A 71 12.24 -1.36 -18.88
CA ALA A 71 11.01 -1.69 -18.14
C ALA A 71 9.80 -1.92 -19.07
N HIS A 72 8.98 -2.93 -18.73
CA HIS A 72 7.78 -3.29 -19.45
C HIS A 72 6.58 -2.47 -18.95
N ILE A 73 6.61 -2.01 -17.69
CA ILE A 73 5.52 -1.24 -17.06
C ILE A 73 6.04 -0.20 -16.04
N ILE A 74 5.37 0.95 -15.93
CA ILE A 74 5.71 1.94 -14.93
C ILE A 74 4.46 2.44 -14.21
N VAL A 75 4.51 2.42 -12.85
CA VAL A 75 3.41 2.95 -12.04
C VAL A 75 3.81 4.35 -11.53
N THR A 76 2.90 5.31 -11.63
CA THR A 76 3.07 6.68 -11.13
C THR A 76 2.05 6.85 -9.97
N PRO A 77 2.29 7.71 -8.95
CA PRO A 77 1.40 7.74 -7.77
C PRO A 77 -0.01 8.29 -7.95
N GLU A 78 -0.84 8.07 -6.92
CA GLU A 78 -2.17 8.62 -6.80
C GLU A 78 -2.01 10.13 -6.58
N ASP A 79 -2.87 10.95 -7.22
CA ASP A 79 -2.87 12.42 -7.09
C ASP A 79 -1.58 13.10 -7.56
N ALA A 80 -0.70 12.38 -8.30
CA ALA A 80 0.60 12.85 -8.77
C ALA A 80 0.52 14.07 -9.73
N ILE A 81 -0.63 14.27 -10.34
CA ILE A 81 -0.89 15.25 -11.39
C ILE A 81 -1.64 16.52 -10.88
N TYR A 82 -2.34 16.42 -9.73
CA TYR A 82 -3.08 17.57 -9.23
C TYR A 82 -3.20 17.67 -7.67
N GLY A 83 -2.57 16.76 -6.92
CA GLY A 83 -2.64 16.82 -5.47
C GLY A 83 -3.92 16.32 -4.82
N TRP A 84 -3.98 16.47 -3.51
CA TRP A 84 -5.07 15.96 -2.68
C TRP A 84 -5.89 17.05 -1.95
N ASN A 85 -5.67 18.34 -2.27
CA ASN A 85 -6.38 19.45 -1.62
C ASN A 85 -7.46 20.05 -2.52
N PHE A 86 -8.71 19.57 -2.37
CA PHE A 86 -9.84 19.98 -3.18
C PHE A 86 -11.20 19.81 -2.50
N ASN A 87 -12.20 20.51 -3.04
CA ASN A 87 -13.61 20.33 -2.78
C ASN A 87 -14.16 19.98 -4.17
N ARG A 88 -15.40 19.55 -4.28
CA ARG A 88 -16.02 19.17 -5.56
C ARG A 88 -15.88 20.19 -6.69
N ASP A 89 -15.97 21.49 -6.35
CA ASP A 89 -15.90 22.58 -7.33
C ASP A 89 -14.49 22.96 -7.74
N SER A 90 -13.53 22.99 -6.79
CA SER A 90 -12.12 23.28 -7.07
C SER A 90 -11.43 22.17 -7.86
N LEU A 91 -11.97 20.93 -7.77
CA LEU A 91 -11.48 19.74 -8.51
C LEU A 91 -11.98 19.72 -9.94
N TYR A 92 -13.27 20.07 -10.17
CA TYR A 92 -13.93 20.04 -11.49
C TYR A 92 -13.03 20.44 -12.68
N PRO A 93 -12.37 21.63 -12.70
CA PRO A 93 -11.54 21.99 -13.87
C PRO A 93 -10.39 21.04 -14.26
N TYR A 94 -10.03 20.10 -13.38
CA TYR A 94 -8.93 19.15 -13.61
C TYR A 94 -9.40 17.83 -14.24
N LEU A 95 -10.71 17.58 -14.18
CA LEU A 95 -11.37 16.36 -14.61
C LEU A 95 -11.59 16.19 -16.11
N GLU A 96 -11.47 14.93 -16.60
CA GLU A 96 -11.72 14.55 -18.00
C GLU A 96 -12.78 13.44 -18.05
N ASP A 97 -13.51 13.32 -19.17
CA ASP A 97 -14.47 12.23 -19.33
C ASP A 97 -13.64 11.03 -19.81
N ILE A 98 -13.41 10.04 -18.93
CA ILE A 98 -12.61 8.87 -19.28
C ILE A 98 -13.55 7.81 -19.78
N PRO A 99 -13.45 7.44 -21.08
CA PRO A 99 -14.40 6.47 -21.62
C PRO A 99 -14.20 5.08 -21.07
N ASP A 100 -15.21 4.23 -21.26
CA ASP A 100 -15.14 2.85 -20.85
C ASP A 100 -14.01 2.21 -21.69
N PRO A 101 -13.01 1.54 -21.08
CA PRO A 101 -11.91 0.94 -21.88
C PRO A 101 -12.28 0.00 -23.04
N GLU A 102 -13.51 -0.57 -23.05
CA GLU A 102 -14.00 -1.50 -24.08
C GLU A 102 -14.14 -0.80 -25.44
N VAL A 103 -14.32 0.54 -25.38
CA VAL A 103 -14.46 1.52 -26.45
C VAL A 103 -13.33 1.38 -27.48
N ASN A 104 -12.22 0.71 -27.07
CA ASN A 104 -11.04 0.38 -27.89
C ASN A 104 -10.44 1.68 -28.49
N TRP A 105 -9.59 2.37 -27.70
CA TRP A 105 -9.10 3.68 -28.08
C TRP A 105 -7.67 3.91 -27.75
N ILE A 106 -6.95 4.47 -28.73
CA ILE A 106 -5.56 4.91 -28.62
C ILE A 106 -5.67 6.43 -28.68
N PRO A 107 -5.80 7.15 -27.52
CA PRO A 107 -5.93 8.62 -27.57
C PRO A 107 -4.83 9.35 -28.35
N CYS A 108 -3.61 8.79 -28.44
CA CYS A 108 -2.49 9.36 -29.18
C CYS A 108 -2.72 9.37 -30.72
N ASN A 109 -3.53 8.44 -31.23
CA ASN A 109 -3.81 8.25 -32.66
C ASN A 109 -5.15 8.83 -33.11
N ASN A 110 -6.07 9.07 -32.17
CA ASN A 110 -7.42 9.57 -32.48
C ASN A 110 -7.79 10.56 -31.39
N ARG A 111 -6.98 11.61 -31.30
CA ARG A 111 -6.97 12.69 -30.31
C ARG A 111 -8.34 13.30 -29.94
N ASN A 112 -9.28 13.42 -30.90
CA ASN A 112 -10.56 14.05 -30.55
C ASN A 112 -11.79 13.15 -30.62
N ARG A 113 -11.62 11.83 -30.36
CA ARG A 113 -12.76 10.91 -30.38
C ARG A 113 -13.81 11.25 -29.33
N PHE A 114 -13.38 11.65 -28.10
CA PHE A 114 -14.26 11.95 -26.98
C PHE A 114 -14.18 13.40 -26.48
N GLY A 115 -14.02 14.34 -27.41
CA GLY A 115 -13.92 15.75 -27.06
C GLY A 115 -12.56 16.16 -26.51
N GLN A 116 -12.54 17.09 -25.55
CA GLN A 116 -11.30 17.62 -24.99
C GLN A 116 -10.76 16.74 -23.88
N THR A 117 -9.70 15.96 -24.22
CA THR A 117 -9.03 14.98 -23.37
C THR A 117 -7.48 15.09 -23.49
N PRO A 118 -6.86 16.26 -23.12
CA PRO A 118 -5.40 16.38 -23.24
C PRO A 118 -4.54 15.50 -22.31
N VAL A 119 -5.00 15.20 -21.09
CA VAL A 119 -4.24 14.36 -20.15
C VAL A 119 -4.16 12.93 -20.65
N GLN A 120 -5.31 12.36 -21.11
CA GLN A 120 -5.41 11.01 -21.67
C GLN A 120 -4.54 10.90 -22.94
N GLU A 121 -4.60 11.92 -23.82
CA GLU A 121 -3.76 11.98 -25.01
C GLU A 121 -2.27 11.93 -24.64
N ARG A 122 -1.84 12.78 -23.71
CA ARG A 122 -0.46 12.86 -23.24
C ARG A 122 0.00 11.52 -22.65
N LEU A 123 -0.81 10.94 -21.76
CA LEU A 123 -0.49 9.64 -21.17
C LEU A 123 -0.41 8.53 -22.21
N SER A 124 -1.28 8.57 -23.22
CA SER A 124 -1.32 7.63 -24.32
C SER A 124 -0.06 7.74 -25.18
N CYS A 125 0.35 9.00 -25.51
CA CYS A 125 1.57 9.25 -26.28
C CYS A 125 2.79 8.84 -25.49
N LEU A 126 2.79 9.09 -24.16
CA LEU A 126 3.89 8.68 -23.28
C LEU A 126 4.06 7.15 -23.29
N ALA A 127 2.96 6.38 -23.31
CA ALA A 127 3.02 4.91 -23.34
C ALA A 127 3.43 4.41 -24.74
N LYS A 128 2.84 5.01 -25.78
CA LYS A 128 3.12 4.67 -27.19
C LYS A 128 4.58 4.97 -27.59
N ASN A 129 5.01 6.24 -27.43
CA ASN A 129 6.37 6.71 -27.81
C ASN A 129 7.49 6.03 -27.08
N ASN A 130 7.25 5.58 -25.85
CA ASN A 130 8.26 4.90 -25.06
C ASN A 130 8.10 3.39 -25.06
N SER A 131 7.03 2.88 -25.72
CA SER A 131 6.70 1.43 -25.86
C SER A 131 6.69 0.72 -24.49
N ILE A 132 5.97 1.33 -23.55
CA ILE A 132 5.87 0.90 -22.15
C ILE A 132 4.43 1.06 -21.65
N TYR A 133 4.00 0.19 -20.72
CA TYR A 133 2.70 0.32 -20.07
C TYR A 133 2.85 1.43 -19.07
N VAL A 134 1.85 2.31 -19.01
CA VAL A 134 1.87 3.46 -18.10
C VAL A 134 0.66 3.41 -17.17
N VAL A 135 0.92 3.38 -15.86
CA VAL A 135 -0.18 3.37 -14.88
C VAL A 135 -0.14 4.75 -14.27
N ALA A 136 -1.26 5.46 -14.29
CA ALA A 136 -1.29 6.79 -13.70
C ALA A 136 -2.63 7.03 -13.04
N ASN A 137 -2.70 7.98 -12.13
CA ASN A 137 -3.90 8.34 -11.40
C ASN A 137 -4.34 9.77 -11.67
N ILE A 138 -5.52 9.89 -12.34
CA ILE A 138 -6.13 11.17 -12.72
C ILE A 138 -7.60 11.24 -12.23
N GLY A 139 -8.35 12.24 -12.70
CA GLY A 139 -9.74 12.41 -12.29
C GLY A 139 -10.75 12.24 -13.39
N ASP A 140 -11.81 11.48 -13.10
CA ASP A 140 -12.90 11.22 -14.05
C ASP A 140 -14.13 12.06 -13.73
N LYS A 141 -14.83 12.46 -14.78
CA LYS A 141 -16.06 13.24 -14.76
C LYS A 141 -17.14 12.41 -15.49
N LYS A 142 -18.30 12.20 -14.86
CA LYS A 142 -19.43 11.50 -15.48
C LYS A 142 -20.71 12.32 -15.31
N PRO A 143 -21.09 13.16 -16.32
CA PRO A 143 -22.30 13.98 -16.17
C PRO A 143 -23.55 13.10 -16.11
N CYS A 144 -24.40 13.35 -15.13
CA CYS A 144 -25.61 12.56 -14.90
C CYS A 144 -26.85 13.44 -14.85
N ASP A 145 -28.01 12.78 -14.92
CA ASP A 145 -29.28 13.48 -14.92
C ASP A 145 -30.01 13.41 -13.59
N THR A 146 -30.79 14.48 -13.31
CA THR A 146 -31.67 14.61 -12.15
C THR A 146 -32.68 13.43 -12.12
N SER A 147 -32.75 12.67 -13.22
CA SER A 147 -33.57 11.47 -13.42
C SER A 147 -33.08 10.32 -12.54
N ASP A 148 -31.76 9.96 -12.62
CA ASP A 148 -31.21 8.86 -11.81
C ASP A 148 -31.07 9.30 -10.35
N PRO A 149 -31.58 8.47 -9.42
CA PRO A 149 -31.60 8.85 -8.00
C PRO A 149 -30.25 9.17 -7.34
N GLN A 150 -29.20 8.39 -7.67
CA GLN A 150 -27.88 8.55 -7.05
C GLN A 150 -27.01 9.68 -7.66
N CYS A 151 -27.57 10.49 -8.58
CA CYS A 151 -26.83 11.59 -9.20
C CYS A 151 -26.65 12.77 -8.26
N PRO A 152 -25.41 13.27 -8.08
CA PRO A 152 -25.20 14.40 -7.16
C PRO A 152 -25.91 15.70 -7.57
N PRO A 153 -26.31 16.61 -6.61
CA PRO A 153 -26.99 17.88 -7.00
C PRO A 153 -26.17 18.78 -7.93
N ASP A 154 -24.90 18.40 -8.13
CA ASP A 154 -23.87 19.03 -8.97
C ASP A 154 -24.15 18.75 -10.44
N GLY A 155 -24.80 17.62 -10.72
CA GLY A 155 -25.12 17.17 -12.08
C GLY A 155 -24.07 16.28 -12.69
N ARG A 156 -23.07 15.85 -11.89
CA ARG A 156 -21.98 14.97 -12.32
C ARG A 156 -21.37 14.11 -11.19
N TYR A 157 -20.83 12.93 -11.54
CA TYR A 157 -20.07 12.07 -10.64
C TYR A 157 -18.62 12.42 -10.86
N GLN A 158 -17.82 12.43 -9.79
CA GLN A 158 -16.37 12.72 -9.89
C GLN A 158 -15.65 11.53 -9.26
N TYR A 159 -14.65 10.98 -9.95
CA TYR A 159 -13.97 9.82 -9.41
C TYR A 159 -12.47 9.97 -9.44
N ASN A 160 -11.83 9.42 -8.40
CA ASN A 160 -10.37 9.32 -8.28
C ASN A 160 -10.10 8.06 -9.12
N THR A 161 -9.46 8.25 -10.27
CA THR A 161 -9.33 7.20 -11.28
C THR A 161 -7.95 6.81 -11.71
N ASP A 162 -7.68 5.51 -11.71
CA ASP A 162 -6.43 5.02 -12.28
C ASP A 162 -6.71 4.69 -13.71
N VAL A 163 -5.74 4.99 -14.57
CA VAL A 163 -5.78 4.68 -15.99
C VAL A 163 -4.54 3.88 -16.37
N VAL A 164 -4.71 2.89 -17.23
CA VAL A 164 -3.62 2.06 -17.73
C VAL A 164 -3.61 2.18 -19.25
N PHE A 165 -2.46 2.53 -19.79
CA PHE A 165 -2.22 2.61 -21.22
C PHE A 165 -1.20 1.56 -21.51
N ASP A 166 -1.43 0.76 -22.55
CA ASP A 166 -0.51 -0.29 -22.93
C ASP A 166 0.64 0.26 -23.77
N SER A 167 1.61 -0.58 -24.13
CA SER A 167 2.80 -0.23 -24.92
C SER A 167 2.49 0.39 -26.31
N GLN A 168 1.27 0.25 -26.79
CA GLN A 168 0.84 0.83 -28.07
C GLN A 168 0.04 2.09 -27.88
N GLY A 169 -0.16 2.50 -26.63
CA GLY A 169 -0.92 3.70 -26.30
C GLY A 169 -2.40 3.52 -26.06
N LYS A 170 -2.89 2.26 -26.03
CA LYS A 170 -4.31 2.03 -25.82
C LYS A 170 -4.75 2.04 -24.34
N LEU A 171 -5.89 2.67 -24.04
CA LEU A 171 -6.54 2.65 -22.72
C LEU A 171 -7.02 1.19 -22.52
N VAL A 172 -6.42 0.47 -21.57
CA VAL A 172 -6.75 -0.93 -21.31
C VAL A 172 -7.39 -1.10 -19.91
N ALA A 173 -7.39 -0.05 -19.07
CA ALA A 173 -8.04 -0.12 -17.76
C ALA A 173 -8.38 1.23 -17.25
N ARG A 174 -9.53 1.31 -16.58
CA ARG A 174 -10.05 2.50 -15.92
C ARG A 174 -10.58 2.00 -14.59
N TYR A 175 -10.03 2.52 -13.47
CA TYR A 175 -10.48 2.08 -12.14
C TYR A 175 -10.84 3.25 -11.24
N HIS A 176 -12.11 3.30 -10.76
CA HIS A 176 -12.57 4.36 -9.84
C HIS A 176 -12.46 3.85 -8.40
N LYS A 177 -11.71 4.60 -7.55
CA LYS A 177 -11.45 4.26 -6.15
C LYS A 177 -12.73 3.98 -5.35
N GLN A 178 -12.77 2.79 -4.75
CA GLN A 178 -13.90 2.36 -3.96
C GLN A 178 -13.86 2.90 -2.54
N ASN A 179 -12.70 2.78 -1.90
CA ASN A 179 -12.57 3.12 -0.50
C ASN A 179 -11.96 4.48 -0.27
N LEU A 180 -12.81 5.48 -0.34
CA LEU A 180 -12.43 6.87 -0.09
C LEU A 180 -12.06 7.10 1.39
N PHE A 181 -10.99 7.86 1.59
CA PHE A 181 -10.51 8.20 2.91
C PHE A 181 -11.21 9.47 3.38
N MET A 182 -11.15 9.76 4.69
CA MET A 182 -11.72 10.95 5.32
C MET A 182 -11.26 12.21 4.60
N GLY A 183 -12.20 13.06 4.24
CA GLY A 183 -11.89 14.31 3.56
C GLY A 183 -11.65 14.21 2.07
N GLU A 184 -12.04 13.08 1.45
CA GLU A 184 -11.98 12.92 -0.01
C GLU A 184 -13.39 13.20 -0.48
N ASN A 185 -13.92 14.37 -0.05
CA ASN A 185 -15.26 14.92 -0.32
C ASN A 185 -15.41 15.42 -1.79
N GLN A 186 -14.29 15.60 -2.49
CA GLN A 186 -14.29 16.01 -3.90
C GLN A 186 -14.65 14.80 -4.80
N PHE A 187 -14.62 13.57 -4.26
CA PHE A 187 -14.91 12.35 -5.02
C PHE A 187 -16.14 11.62 -4.60
N ASN A 188 -16.61 10.75 -5.51
CA ASN A 188 -17.75 9.85 -5.36
C ASN A 188 -17.28 8.41 -5.31
N VAL A 189 -18.08 7.55 -4.66
CA VAL A 189 -17.84 6.11 -4.52
C VAL A 189 -18.70 5.45 -5.61
N PRO A 190 -18.15 4.53 -6.46
CA PRO A 190 -19.00 3.82 -7.44
C PRO A 190 -20.10 2.97 -6.78
N LYS A 191 -21.18 2.75 -7.51
CA LYS A 191 -22.36 1.97 -7.10
C LYS A 191 -21.95 0.57 -6.64
N GLU A 192 -21.18 -0.14 -7.48
CA GLU A 192 -20.70 -1.48 -7.23
C GLU A 192 -19.17 -1.44 -7.30
N PRO A 193 -18.44 -2.20 -6.47
CA PRO A 193 -16.96 -2.20 -6.61
C PRO A 193 -16.54 -2.60 -8.01
N GLU A 194 -15.53 -1.90 -8.53
CA GLU A 194 -14.98 -2.15 -9.85
C GLU A 194 -13.76 -3.06 -9.70
N ILE A 195 -13.90 -4.30 -10.22
CA ILE A 195 -12.86 -5.34 -10.25
C ILE A 195 -12.21 -5.24 -11.62
N VAL A 196 -11.15 -4.46 -11.65
CA VAL A 196 -10.44 -4.10 -12.89
C VAL A 196 -9.12 -4.88 -13.02
N THR A 197 -8.97 -5.56 -14.15
CA THR A 197 -7.80 -6.36 -14.55
C THR A 197 -7.43 -5.97 -16.00
N PHE A 198 -6.21 -6.29 -16.41
CA PHE A 198 -5.71 -6.12 -17.77
C PHE A 198 -4.70 -7.22 -17.96
N ASN A 199 -4.77 -7.89 -19.11
CA ASN A 199 -3.89 -9.01 -19.40
C ASN A 199 -2.81 -8.59 -20.36
N THR A 200 -1.60 -9.07 -20.14
CA THR A 200 -0.39 -8.73 -20.91
C THR A 200 0.38 -10.03 -21.24
N THR A 201 1.51 -9.89 -21.97
CA THR A 201 2.42 -11.00 -22.31
C THR A 201 3.35 -11.31 -21.08
N PHE A 202 3.24 -10.47 -20.00
CA PHE A 202 4.04 -10.59 -18.77
C PHE A 202 3.14 -10.77 -17.51
N GLY A 203 2.02 -11.50 -17.69
CA GLY A 203 1.08 -11.84 -16.63
C GLY A 203 -0.22 -11.06 -16.60
N SER A 204 -1.14 -11.54 -15.75
CA SER A 204 -2.47 -10.94 -15.49
C SER A 204 -2.26 -9.89 -14.38
N PHE A 205 -2.79 -8.68 -14.58
CA PHE A 205 -2.63 -7.55 -13.67
C PHE A 205 -3.94 -7.08 -13.04
N GLY A 206 -3.90 -6.77 -11.75
CA GLY A 206 -5.03 -6.23 -11.02
C GLY A 206 -4.67 -4.83 -10.61
N ILE A 207 -5.65 -4.00 -10.28
CA ILE A 207 -5.37 -2.63 -9.88
C ILE A 207 -6.33 -2.12 -8.82
N PHE A 208 -5.77 -1.39 -7.86
CA PHE A 208 -6.52 -0.70 -6.81
C PHE A 208 -5.66 0.48 -6.34
N THR A 209 -6.21 1.37 -5.49
CA THR A 209 -5.51 2.61 -5.07
C THR A 209 -5.51 2.82 -3.59
N CSO A 210 -4.34 3.20 -3.06
CA CSO A 210 -4.15 3.59 -1.65
CB CSO A 210 -4.39 5.09 -1.65
SG CSO A 210 -3.48 5.80 -0.27
C CSO A 210 -4.93 2.83 -0.56
O CSO A 210 -4.62 1.68 -0.28
OD CSO A 210 -4.35 7.06 -0.58
N PHE A 211 -5.91 3.49 0.07
CA PHE A 211 -6.76 2.98 1.17
C PHE A 211 -7.45 1.67 0.82
N ASP A 212 -7.58 1.35 -0.48
CA ASP A 212 -8.20 0.09 -0.96
C ASP A 212 -7.53 -1.13 -0.38
N ILE A 213 -6.19 -1.07 -0.17
CA ILE A 213 -5.36 -2.14 0.41
C ILE A 213 -5.82 -2.59 1.82
N LEU A 214 -6.61 -1.74 2.52
CA LEU A 214 -7.12 -2.08 3.86
C LEU A 214 -8.47 -2.76 3.86
N PHE A 215 -9.10 -2.90 2.67
CA PHE A 215 -10.42 -3.49 2.51
C PHE A 215 -10.40 -4.73 1.59
N HIS A 216 -11.52 -5.45 1.54
CA HIS A 216 -11.75 -6.68 0.80
C HIS A 216 -12.01 -6.40 -0.68
N ASP A 217 -12.80 -5.34 -0.98
CA ASP A 217 -13.21 -5.02 -2.34
C ASP A 217 -12.64 -3.73 -2.91
N PRO A 218 -11.95 -3.80 -4.09
CA PRO A 218 -11.75 -4.99 -4.95
C PRO A 218 -10.50 -5.83 -4.62
N ALA A 219 -9.65 -5.34 -3.69
CA ALA A 219 -8.31 -5.85 -3.36
C ALA A 219 -8.17 -7.38 -3.26
N VAL A 220 -8.94 -8.02 -2.35
CA VAL A 220 -8.94 -9.46 -2.05
C VAL A 220 -9.52 -10.24 -3.24
N THR A 221 -10.67 -9.81 -3.73
CA THR A 221 -11.37 -10.35 -4.91
C THR A 221 -10.43 -10.51 -6.13
N LEU A 222 -9.63 -9.47 -6.43
CA LEU A 222 -8.67 -9.56 -7.54
C LEU A 222 -7.69 -10.71 -7.38
N VAL A 223 -7.27 -10.94 -6.16
CA VAL A 223 -6.29 -11.98 -5.86
C VAL A 223 -6.93 -13.38 -5.74
N LYS A 224 -7.96 -13.54 -4.90
CA LYS A 224 -8.57 -14.86 -4.69
C LYS A 224 -9.59 -15.28 -5.75
N ASP A 225 -10.26 -14.36 -6.40
CA ASP A 225 -11.27 -14.80 -7.38
C ASP A 225 -10.87 -14.60 -8.79
N PHE A 226 -10.10 -13.52 -9.08
CA PHE A 226 -9.67 -13.18 -10.44
C PHE A 226 -8.27 -13.68 -10.70
N HIS A 227 -7.62 -14.29 -9.69
CA HIS A 227 -6.30 -14.95 -9.79
C HIS A 227 -5.20 -14.09 -10.52
N VAL A 228 -5.15 -12.78 -10.23
CA VAL A 228 -4.14 -11.91 -10.84
C VAL A 228 -2.70 -12.30 -10.39
N ASP A 229 -1.72 -12.04 -11.26
CA ASP A 229 -0.33 -12.32 -10.92
C ASP A 229 0.28 -11.16 -10.14
N THR A 230 -0.04 -9.91 -10.56
CA THR A 230 0.53 -8.67 -10.07
C THR A 230 -0.52 -7.61 -9.87
N ILE A 231 -0.31 -6.78 -8.83
CA ILE A 231 -1.14 -5.63 -8.51
C ILE A 231 -0.30 -4.42 -8.82
N VAL A 232 -0.91 -3.45 -9.54
CA VAL A 232 -0.33 -2.11 -9.78
C VAL A 232 -1.02 -1.17 -8.76
N PHE A 233 -0.22 -0.49 -7.93
CA PHE A 233 -0.77 0.29 -6.82
C PHE A 233 -0.35 1.78 -6.72
N PRO A 234 -1.13 2.68 -7.36
CA PRO A 234 -0.85 4.13 -7.22
C PRO A 234 -1.25 4.54 -5.79
N THR A 235 -0.35 5.21 -5.04
CA THR A 235 -0.67 5.55 -3.66
C THR A 235 -0.13 6.94 -3.26
N ALA A 236 -0.79 7.59 -2.28
CA ALA A 236 -0.44 8.89 -1.67
C ALA A 236 -0.58 8.66 -0.16
N TRP A 237 0.23 7.74 0.37
CA TRP A 237 0.17 7.17 1.73
C TRP A 237 0.87 7.98 2.84
N MET A 238 0.13 8.20 3.94
CA MET A 238 0.66 8.88 5.11
C MET A 238 1.16 7.79 6.02
N ASN A 239 2.45 7.76 6.27
CA ASN A 239 3.08 6.74 7.10
C ASN A 239 2.64 6.79 8.54
N VAL A 240 2.27 5.63 9.10
CA VAL A 240 1.89 5.49 10.51
C VAL A 240 2.61 4.30 11.13
N LEU A 241 3.75 4.53 11.81
CA LEU A 241 4.50 3.50 12.52
C LEU A 241 3.72 3.11 13.76
N PRO A 242 3.83 1.87 14.25
CA PRO A 242 4.78 0.80 13.90
C PRO A 242 4.35 -0.18 12.80
N HIS A 243 3.07 -0.15 12.40
CA HIS A 243 2.52 -1.15 11.47
C HIS A 243 2.15 -0.65 10.09
N LEU A 244 1.91 0.66 9.96
CA LEU A 244 1.36 1.17 8.74
C LEU A 244 2.25 2.14 8.00
N SER A 245 3.54 1.79 7.95
CA SER A 245 4.50 2.50 7.11
C SER A 245 4.28 1.88 5.72
N ALA A 246 4.29 2.70 4.67
CA ALA A 246 4.05 2.25 3.29
C ALA A 246 4.87 1.01 2.89
N VAL A 247 6.22 1.12 2.81
CA VAL A 247 7.06 -0.04 2.40
C VAL A 247 6.81 -1.30 3.23
N GLU A 248 6.53 -1.11 4.52
CA GLU A 248 6.31 -2.16 5.48
C GLU A 248 5.01 -2.94 5.20
N PHE A 249 3.88 -2.23 5.19
CA PHE A 249 2.56 -2.83 4.99
C PHE A 249 2.32 -3.35 3.57
N HIS A 250 2.75 -2.57 2.54
CA HIS A 250 2.57 -2.91 1.13
C HIS A 250 3.29 -4.21 0.76
N SER A 251 4.49 -4.42 1.31
CA SER A 251 5.26 -5.65 1.07
C SER A 251 4.70 -6.79 1.88
N ALA A 252 4.09 -6.47 3.04
CA ALA A 252 3.44 -7.45 3.92
C ALA A 252 2.23 -8.01 3.22
N TRP A 253 1.37 -7.09 2.63
CA TRP A 253 0.16 -7.42 1.90
C TRP A 253 0.50 -8.28 0.68
N ALA A 254 1.57 -7.92 -0.05
CA ALA A 254 2.03 -8.69 -1.22
C ALA A 254 2.41 -10.12 -0.80
N MET A 255 3.13 -10.28 0.31
CA MET A 255 3.57 -11.57 0.85
C MET A 255 2.38 -12.42 1.38
N GLY A 256 1.47 -11.80 2.13
CA GLY A 256 0.27 -12.44 2.64
C GLY A 256 -0.71 -12.90 1.58
N MET A 257 -0.79 -12.14 0.44
CA MET A 257 -1.67 -12.44 -0.70
C MET A 257 -0.99 -13.23 -1.82
N ARG A 258 0.35 -13.46 -1.72
CA ARG A 258 1.16 -14.26 -2.64
C ARG A 258 1.09 -13.73 -4.05
N VAL A 259 1.34 -12.42 -4.19
CA VAL A 259 1.26 -11.75 -5.47
C VAL A 259 2.43 -10.75 -5.70
N ASN A 260 2.73 -10.36 -6.98
CA ASN A 260 3.68 -9.28 -7.22
C ASN A 260 2.95 -7.95 -6.91
N PHE A 261 3.69 -6.91 -6.52
CA PHE A 261 3.06 -5.68 -6.08
C PHE A 261 3.91 -4.50 -6.46
N LEU A 262 3.35 -3.58 -7.29
CA LEU A 262 4.11 -2.37 -7.71
C LEU A 262 3.55 -1.13 -7.02
N ALA A 263 4.23 -0.67 -5.98
CA ALA A 263 3.80 0.46 -5.16
C ALA A 263 4.48 1.79 -5.51
N SER A 264 3.73 2.72 -6.10
CA SER A 264 4.22 4.04 -6.52
C SER A 264 3.61 5.12 -5.64
N ASN A 265 4.45 5.77 -4.84
CA ASN A 265 4.00 6.71 -3.82
C ASN A 265 4.38 8.18 -4.04
N ILE A 266 3.59 9.09 -3.47
CA ILE A 266 3.86 10.49 -3.48
C ILE A 266 5.05 10.73 -2.53
N HIS A 267 5.95 11.67 -2.91
CA HIS A 267 7.07 12.07 -2.08
C HIS A 267 6.73 13.44 -1.46
N TYR A 268 6.36 13.44 -0.17
CA TYR A 268 6.05 14.63 0.60
C TYR A 268 6.38 14.35 2.09
N PRO A 269 7.68 14.39 2.46
CA PRO A 269 8.07 14.08 3.86
C PRO A 269 7.35 14.88 4.94
N SER A 270 6.94 16.12 4.60
CA SER A 270 6.19 17.00 5.50
C SER A 270 4.84 16.39 5.98
N LYS A 271 4.23 15.48 5.17
CA LYS A 271 2.97 14.78 5.49
C LYS A 271 3.24 13.31 5.74
N LYS A 272 4.52 12.97 5.88
CA LYS A 272 5.02 11.63 6.12
C LYS A 272 4.69 10.72 4.95
N MET A 273 4.78 11.30 3.74
CA MET A 273 4.56 10.58 2.50
C MET A 273 5.91 10.21 1.85
N THR A 274 6.25 8.93 1.91
CA THR A 274 7.44 8.31 1.32
C THR A 274 7.41 6.78 1.51
N GLY A 275 7.75 6.06 0.46
CA GLY A 275 7.80 4.61 0.54
C GLY A 275 7.21 3.93 -0.66
N SER A 276 8.06 3.72 -1.70
CA SER A 276 7.72 3.05 -2.95
C SER A 276 8.58 1.78 -3.08
N GLY A 277 8.12 0.82 -3.86
CA GLY A 277 8.85 -0.42 -4.02
C GLY A 277 8.20 -1.41 -4.95
N ILE A 278 8.95 -2.44 -5.28
CA ILE A 278 8.56 -3.56 -6.16
C ILE A 278 8.66 -4.81 -5.29
N TYR A 279 7.52 -5.45 -5.07
CA TYR A 279 7.49 -6.58 -4.15
C TYR A 279 7.01 -7.86 -4.80
N ALA A 280 7.62 -8.98 -4.40
CA ALA A 280 7.34 -10.32 -4.88
C ALA A 280 6.64 -11.08 -3.79
N PRO A 281 6.04 -12.27 -4.06
CA PRO A 281 5.42 -13.03 -2.97
C PRO A 281 6.41 -13.49 -1.89
N ASN A 282 7.68 -13.76 -2.23
CA ASN A 282 8.72 -14.26 -1.31
C ASN A 282 9.40 -13.19 -0.46
N SER A 283 9.53 -11.96 -1.00
CA SER A 283 10.18 -10.82 -0.35
C SER A 283 10.08 -9.57 -1.21
N SER A 284 10.56 -8.46 -0.67
CA SER A 284 10.70 -7.19 -1.35
C SER A 284 11.81 -7.36 -2.42
N ARG A 285 11.75 -6.62 -3.53
CA ARG A 285 12.74 -6.73 -4.61
C ARG A 285 13.56 -5.44 -4.77
N ALA A 286 12.94 -4.31 -4.46
CA ALA A 286 13.52 -2.98 -4.45
C ALA A 286 12.55 -2.12 -3.65
N PHE A 287 13.06 -1.26 -2.78
CA PHE A 287 12.23 -0.33 -2.01
C PHE A 287 12.97 1.02 -1.84
N HIS A 288 12.24 2.10 -1.52
CA HIS A 288 12.75 3.45 -1.37
C HIS A 288 12.01 4.16 -0.27
N TYR A 289 12.76 4.63 0.74
CA TYR A 289 12.24 5.40 1.86
C TYR A 289 13.21 6.57 2.05
N ASP A 290 12.68 7.80 2.05
CA ASP A 290 13.52 8.97 2.21
C ASP A 290 12.73 10.12 2.80
N MET A 291 13.07 10.45 4.06
CA MET A 291 12.43 11.54 4.77
C MET A 291 13.24 12.84 4.74
N LYS A 292 14.45 12.80 4.16
CA LYS A 292 15.40 13.92 4.13
C LYS A 292 15.27 14.87 2.91
N THR A 293 15.47 14.37 1.67
CA THR A 293 15.40 15.19 0.46
C THR A 293 13.97 15.46 0.02
N GLU A 294 13.81 16.41 -0.93
CA GLU A 294 12.54 16.79 -1.55
C GLU A 294 12.46 16.18 -2.99
N GLU A 295 13.35 15.23 -3.29
CA GLU A 295 13.47 14.62 -4.61
C GLU A 295 12.69 13.30 -4.80
N GLY A 296 12.31 13.04 -6.04
CA GLY A 296 11.61 11.81 -6.40
C GLY A 296 12.59 10.68 -6.61
N LYS A 297 12.10 9.48 -6.93
CA LYS A 297 13.00 8.35 -7.14
C LYS A 297 12.36 7.31 -8.04
N LEU A 298 13.09 6.96 -9.12
CA LEU A 298 12.68 5.93 -10.04
C LEU A 298 13.34 4.64 -9.61
N LEU A 299 12.53 3.57 -9.46
CA LEU A 299 13.01 2.24 -9.06
C LEU A 299 12.69 1.21 -10.14
N LEU A 300 13.63 0.29 -10.39
CA LEU A 300 13.43 -0.79 -11.36
C LEU A 300 13.84 -2.10 -10.78
N SER A 301 13.16 -3.19 -11.13
CA SER A 301 13.49 -4.54 -10.67
C SER A 301 12.75 -5.55 -11.50
N GLN A 302 13.35 -6.73 -11.65
CA GLN A 302 12.76 -7.83 -12.38
C GLN A 302 11.81 -8.63 -11.51
N LEU A 303 10.80 -9.25 -12.12
CA LEU A 303 9.81 -10.07 -11.43
C LEU A 303 9.44 -11.25 -12.30
N ASP A 304 8.89 -12.31 -11.70
CA ASP A 304 8.38 -13.47 -12.44
C ASP A 304 7.02 -13.07 -12.89
N SER A 305 6.74 -13.33 -14.18
CA SER A 305 5.48 -13.01 -14.83
C SER A 305 4.32 -13.81 -14.21
N HIS A 306 4.59 -15.09 -13.93
CA HIS A 306 3.64 -15.98 -13.33
C HIS A 306 4.23 -16.54 -12.07
N PRO A 307 4.23 -15.75 -10.96
CA PRO A 307 4.79 -16.29 -9.71
C PRO A 307 3.92 -17.45 -9.21
N SER A 308 4.47 -18.27 -8.31
CA SER A 308 3.67 -19.31 -7.70
C SER A 308 2.82 -18.64 -6.61
N HIS A 309 1.51 -18.95 -6.61
CA HIS A 309 0.51 -18.42 -5.68
C HIS A 309 0.08 -19.51 -4.65
N SER A 310 0.48 -20.77 -4.94
CA SER A 310 0.17 -22.04 -4.27
C SER A 310 0.59 -22.20 -2.79
N ALA A 311 1.51 -21.35 -2.26
CA ALA A 311 1.99 -21.46 -0.88
C ALA A 311 0.95 -21.05 0.20
N VAL A 312 0.01 -21.98 0.50
CA VAL A 312 -1.06 -21.77 1.48
C VAL A 312 -0.52 -21.81 2.94
N VAL A 313 -1.05 -20.89 3.78
CA VAL A 313 -0.75 -20.70 5.21
C VAL A 313 -2.08 -20.75 6.00
N ASN A 314 -2.10 -21.51 7.10
CA ASN A 314 -3.21 -21.55 8.05
C ASN A 314 -2.64 -20.76 9.21
N TRP A 315 -3.15 -19.54 9.43
CA TRP A 315 -2.64 -18.60 10.44
C TRP A 315 -2.93 -18.90 11.93
N THR A 316 -3.76 -19.91 12.25
CA THR A 316 -4.12 -20.23 13.65
C THR A 316 -3.57 -21.57 14.12
N SER A 317 -3.15 -22.42 13.17
CA SER A 317 -2.65 -23.78 13.31
C SER A 317 -1.70 -23.97 14.50
N TYR A 318 -0.41 -23.56 14.37
CA TYR A 318 0.57 -23.70 15.43
C TYR A 318 0.07 -23.11 16.76
N ALA A 319 -0.35 -21.84 16.74
CA ALA A 319 -0.81 -21.12 17.92
C ALA A 319 -1.92 -21.79 18.73
N SER A 320 -2.96 -22.28 18.03
CA SER A 320 -4.11 -22.96 18.62
C SER A 320 -3.76 -24.37 19.14
N SER A 321 -2.61 -24.95 18.70
CA SER A 321 -2.19 -26.27 19.13
C SER A 321 -1.44 -26.22 20.49
N ILE A 322 -0.45 -25.32 20.60
CA ILE A 322 0.43 -25.09 21.75
C ILE A 322 -0.30 -24.48 22.98
N GLU A 323 0.33 -24.61 24.17
CA GLU A 323 -0.13 -24.07 25.46
C GLU A 323 0.73 -22.83 25.82
N ALA A 324 0.14 -21.81 26.50
CA ALA A 324 0.78 -20.53 26.91
C ALA A 324 2.26 -20.66 27.33
N LEU A 325 3.17 -20.00 26.56
CA LEU A 325 4.62 -20.05 26.73
C LEU A 325 5.16 -19.36 28.00
N SER A 326 4.38 -18.43 28.57
CA SER A 326 4.70 -17.66 29.77
C SER A 326 3.45 -17.60 30.65
N SER A 327 3.66 -17.77 31.97
CA SER A 327 2.60 -17.79 32.97
C SER A 327 2.74 -16.60 33.90
N GLY A 328 1.64 -16.21 34.57
CA GLY A 328 1.55 -15.10 35.52
C GLY A 328 2.48 -13.95 35.18
N ASN A 329 2.07 -13.12 34.18
CA ASN A 329 2.95 -12.06 33.72
C ASN A 329 2.45 -10.65 33.98
N LYS A 330 3.44 -9.73 34.05
CA LYS A 330 3.24 -8.30 34.28
C LYS A 330 2.72 -7.69 32.95
N GLU A 331 1.40 -7.65 32.80
CA GLU A 331 0.77 -7.14 31.59
C GLU A 331 0.21 -5.75 31.75
N PHE A 332 0.27 -4.95 30.67
CA PHE A 332 -0.22 -3.56 30.64
C PHE A 332 -0.85 -3.20 29.28
N LYS A 333 -1.75 -2.22 29.32
CA LYS A 333 -2.45 -1.63 28.18
C LYS A 333 -1.53 -0.56 27.55
N GLY A 334 -1.29 -0.69 26.24
CA GLY A 334 -0.49 0.25 25.46
C GLY A 334 -1.19 0.64 24.18
N THR A 335 -1.15 1.93 23.83
CA THR A 335 -1.79 2.48 22.62
C THR A 335 -0.92 2.42 21.36
N VAL A 336 -1.46 1.77 20.32
CA VAL A 336 -0.88 1.62 18.98
C VAL A 336 -1.89 2.20 17.97
N PHE A 337 -1.56 3.36 17.36
CA PHE A 337 -2.41 4.01 16.35
C PHE A 337 -3.88 4.07 16.83
N PHE A 338 -4.05 4.61 18.08
CA PHE A 338 -5.33 4.79 18.78
C PHE A 338 -6.00 3.47 19.20
N ASP A 339 -5.30 2.34 19.11
CA ASP A 339 -5.84 1.05 19.51
C ASP A 339 -5.12 0.52 20.76
N GLU A 340 -5.91 0.07 21.77
CA GLU A 340 -5.39 -0.43 23.05
C GLU A 340 -4.97 -1.89 23.01
N PHE A 341 -3.68 -2.13 22.90
CA PHE A 341 -3.09 -3.46 22.87
C PHE A 341 -2.75 -3.94 24.29
N THR A 342 -2.71 -5.26 24.50
CA THR A 342 -2.31 -5.88 25.77
C THR A 342 -0.88 -6.32 25.55
N PHE A 343 0.04 -5.71 26.29
CA PHE A 343 1.48 -5.95 26.20
C PHE A 343 2.06 -6.77 27.34
N VAL A 344 3.26 -7.27 27.11
CA VAL A 344 4.07 -8.02 28.04
C VAL A 344 5.53 -7.66 27.71
N LYS A 345 6.24 -7.04 28.66
CA LYS A 345 7.63 -6.60 28.48
C LYS A 345 8.53 -7.82 28.26
N LEU A 346 9.53 -7.67 27.40
CA LEU A 346 10.48 -8.72 27.16
C LEU A 346 11.59 -8.49 28.17
N THR A 347 11.64 -9.39 29.16
CA THR A 347 12.65 -9.40 30.20
C THR A 347 13.57 -10.57 29.81
N GLY A 348 14.86 -10.28 29.66
CA GLY A 348 15.83 -11.26 29.22
C GLY A 348 16.17 -11.10 27.74
N VAL A 349 17.42 -11.44 27.39
CA VAL A 349 18.01 -11.38 26.05
C VAL A 349 17.47 -12.55 25.17
N ALA A 350 16.74 -13.47 25.82
CA ALA A 350 16.09 -14.64 25.22
C ALA A 350 14.84 -14.95 26.03
N GLY A 351 13.80 -15.45 25.37
CA GLY A 351 12.55 -15.74 26.06
C GLY A 351 11.46 -16.36 25.23
N ASN A 352 10.35 -16.69 25.92
CA ASN A 352 9.16 -17.30 25.39
C ASN A 352 7.95 -16.67 26.08
N TYR A 353 7.21 -15.86 25.33
CA TYR A 353 6.06 -15.16 25.84
C TYR A 353 4.80 -15.49 25.07
N THR A 354 3.66 -15.39 25.76
CA THR A 354 2.32 -15.58 25.27
C THR A 354 1.49 -14.50 25.93
N VAL A 355 0.82 -13.67 25.12
CA VAL A 355 -0.05 -12.63 25.61
C VAL A 355 -1.34 -12.71 24.80
N CYS A 356 -2.48 -12.59 25.49
CA CYS A 356 -3.79 -12.67 24.89
C CYS A 356 -4.56 -11.41 25.11
N GLN A 357 -5.33 -11.05 24.10
CA GLN A 357 -6.35 -10.01 24.15
C GLN A 357 -7.59 -10.63 23.48
N LYS A 358 -8.63 -10.85 24.28
CA LYS A 358 -9.94 -11.39 23.91
C LYS A 358 -9.79 -12.70 23.12
N ASP A 359 -10.29 -12.77 21.86
CA ASP A 359 -10.20 -13.98 21.03
C ASP A 359 -8.80 -14.28 20.45
N LEU A 360 -7.81 -13.40 20.68
CA LEU A 360 -6.48 -13.55 20.10
C LEU A 360 -5.41 -13.81 21.12
N CYS A 361 -4.60 -14.85 20.87
CA CYS A 361 -3.47 -15.24 21.71
C CYS A 361 -2.19 -15.29 20.87
N CYS A 362 -1.21 -14.45 21.23
CA CYS A 362 0.08 -14.26 20.56
C CYS A 362 1.23 -14.98 21.26
N HIS A 363 2.04 -15.72 20.50
CA HIS A 363 3.19 -16.43 21.00
C HIS A 363 4.42 -15.88 20.35
N LEU A 364 5.49 -15.70 21.15
CA LEU A 364 6.77 -15.24 20.65
C LEU A 364 7.89 -16.00 21.34
N SER A 365 8.84 -16.42 20.52
CA SER A 365 10.07 -17.05 20.95
C SER A 365 11.12 -16.16 20.30
N TYR A 366 12.14 -15.69 21.07
CA TYR A 366 13.17 -14.78 20.57
C TYR A 366 14.52 -14.97 21.26
N LYS A 367 15.58 -14.47 20.63
CA LYS A 367 16.93 -14.44 21.13
C LYS A 367 17.60 -13.25 20.44
N MET A 368 17.98 -12.23 21.22
CA MET A 368 18.60 -10.99 20.73
C MET A 368 20.10 -11.20 20.54
N SER A 369 20.72 -10.39 19.67
CA SER A 369 22.16 -10.46 19.39
C SER A 369 22.99 -10.02 20.61
N GLU A 370 22.39 -9.15 21.48
CA GLU A 370 22.90 -8.59 22.75
C GLU A 370 21.78 -7.88 23.56
N ASN A 371 22.04 -7.58 24.85
CA ASN A 371 21.07 -6.91 25.74
C ASN A 371 21.38 -5.41 25.89
N ILE A 372 21.19 -4.66 24.78
CA ILE A 372 21.39 -3.22 24.60
C ILE A 372 20.71 -2.40 25.71
N PRO A 373 21.47 -1.51 26.41
CA PRO A 373 20.88 -0.72 27.50
C PRO A 373 19.90 0.34 27.04
N ASN A 374 18.85 0.60 27.84
CA ASN A 374 17.82 1.62 27.58
C ASN A 374 17.08 1.41 26.26
N GLU A 375 16.79 0.13 25.96
CA GLU A 375 16.04 -0.29 24.78
C GLU A 375 15.09 -1.42 25.21
N VAL A 376 13.80 -1.08 25.30
CA VAL A 376 12.72 -1.99 25.75
C VAL A 376 11.85 -2.50 24.56
N TYR A 377 11.59 -3.81 24.57
CA TYR A 377 10.74 -4.50 23.60
C TYR A 377 9.57 -5.14 24.30
N ALA A 378 8.42 -5.16 23.64
CA ALA A 378 7.22 -5.77 24.19
C ALA A 378 6.56 -6.68 23.14
N LEU A 379 5.72 -7.61 23.59
CA LEU A 379 4.92 -8.46 22.73
C LEU A 379 3.49 -8.02 22.98
N GLY A 380 2.83 -7.54 21.93
CA GLY A 380 1.45 -7.05 22.00
C GLY A 380 0.43 -7.90 21.29
N ALA A 381 -0.84 -7.77 21.73
CA ALA A 381 -2.01 -8.46 21.20
C ALA A 381 -3.17 -7.48 21.06
N PHE A 382 -3.86 -7.53 19.90
CA PHE A 382 -5.03 -6.69 19.71
C PHE A 382 -6.14 -7.41 18.96
N ASP A 383 -7.36 -7.39 19.52
CA ASP A 383 -8.53 -8.00 18.93
C ASP A 383 -9.64 -7.00 19.03
N GLY A 384 -9.87 -6.26 17.97
CA GLY A 384 -10.91 -5.24 17.98
C GLY A 384 -10.95 -4.37 16.76
N LEU A 385 -11.93 -3.47 16.74
CA LEU A 385 -12.24 -2.55 15.67
C LEU A 385 -11.53 -1.22 15.80
N HIS A 386 -10.90 -0.78 14.69
CA HIS A 386 -10.24 0.52 14.56
C HIS A 386 -11.34 1.45 14.10
N THR A 387 -11.40 2.66 14.68
CA THR A 387 -12.43 3.63 14.35
C THR A 387 -11.88 5.02 14.02
N VAL A 388 -10.62 5.32 14.43
CA VAL A 388 -10.03 6.64 14.16
C VAL A 388 -9.60 6.80 12.69
N GLU A 389 -10.34 7.68 11.98
CA GLU A 389 -10.15 8.06 10.58
C GLU A 389 -10.43 6.90 9.59
N GLY A 390 -11.26 5.94 10.03
CA GLY A 390 -11.66 4.78 9.24
C GLY A 390 -12.01 3.61 10.11
N ARG A 391 -12.93 2.76 9.65
CA ARG A 391 -13.39 1.60 10.40
C ARG A 391 -13.07 0.31 9.74
N TYR A 392 -12.33 -0.50 10.46
CA TYR A 392 -11.87 -1.81 10.05
C TYR A 392 -11.50 -2.65 11.24
N TYR A 393 -11.96 -3.92 11.25
CA TYR A 393 -11.65 -4.88 12.32
C TYR A 393 -10.27 -5.44 12.16
N LEU A 394 -9.53 -5.48 13.28
CA LEU A 394 -8.14 -5.91 13.35
C LEU A 394 -7.89 -6.97 14.40
N GLN A 395 -6.93 -7.86 14.11
CA GLN A 395 -6.41 -8.86 15.01
C GLN A 395 -4.91 -8.77 14.77
N ILE A 396 -4.15 -8.23 15.73
CA ILE A 396 -2.71 -8.02 15.54
C ILE A 396 -1.88 -8.61 16.67
N CYS A 397 -0.77 -9.30 16.29
CA CYS A 397 0.26 -9.85 17.15
C CYS A 397 1.55 -9.07 16.84
N THR A 398 2.14 -8.40 17.84
CA THR A 398 3.30 -7.58 17.49
C THR A 398 4.53 -7.67 18.44
N LEU A 399 5.72 -7.80 17.86
CA LEU A 399 6.98 -7.67 18.60
C LEU A 399 7.42 -6.24 18.24
N LEU A 400 7.28 -5.30 19.18
CA LEU A 400 7.71 -3.94 18.84
C LEU A 400 8.70 -3.36 19.81
N LYS A 401 9.62 -2.55 19.28
CA LYS A 401 10.58 -1.75 20.03
C LYS A 401 9.76 -0.58 20.60
N CYS A 402 9.71 -0.42 21.95
CA CYS A 402 9.04 0.69 22.62
C CYS A 402 9.85 1.97 22.35
N LYS A 403 9.19 3.12 22.06
CA LYS A 403 9.90 4.37 21.72
C LYS A 403 11.01 4.73 22.73
N THR A 404 10.70 4.67 24.04
CA THR A 404 11.62 4.93 25.17
C THR A 404 11.58 3.72 26.13
N THR A 405 12.21 3.84 27.33
CA THR A 405 12.28 2.82 28.41
C THR A 405 10.95 2.76 29.13
N ASN A 406 10.24 3.91 29.17
CA ASN A 406 8.93 4.08 29.79
C ASN A 406 7.90 3.24 29.03
N LEU A 407 7.46 2.12 29.67
CA LEU A 407 6.49 1.17 29.13
C LEU A 407 5.22 1.79 28.54
N ASN A 408 4.82 3.00 28.98
CA ASN A 408 3.65 3.68 28.40
C ASN A 408 3.93 4.28 26.99
N THR A 409 5.16 4.06 26.45
CA THR A 409 5.55 4.54 25.12
C THR A 409 5.59 3.38 24.08
N CYS A 410 5.20 2.15 24.51
CA CYS A 410 5.11 0.96 23.66
C CYS A 410 3.91 1.12 22.73
N GLY A 411 4.18 1.07 21.42
CA GLY A 411 3.15 1.26 20.41
C GLY A 411 3.20 2.64 19.78
N ASP A 412 3.92 3.57 20.41
CA ASP A 412 4.12 4.89 19.83
C ASP A 412 5.21 4.71 18.75
N SER A 413 5.12 5.47 17.63
CA SER A 413 6.07 5.38 16.52
C SER A 413 7.51 5.58 16.97
N ALA A 414 8.35 4.59 16.71
CA ALA A 414 9.76 4.51 17.00
C ALA A 414 10.45 4.34 15.65
N GLU A 415 11.39 5.22 15.30
CA GLU A 415 12.04 5.18 13.97
C GLU A 415 13.41 4.53 13.97
N THR A 416 14.06 4.38 15.15
CA THR A 416 15.41 3.81 15.25
C THR A 416 15.49 2.76 16.33
N ALA A 417 16.46 1.86 16.20
CA ALA A 417 16.69 0.80 17.15
C ALA A 417 18.14 0.39 17.06
N SER A 418 18.64 -0.36 18.07
CA SER A 418 20.01 -0.84 18.14
C SER A 418 20.08 -2.37 18.33
N THR A 419 18.97 -2.99 18.78
CA THR A 419 18.85 -4.45 19.02
C THR A 419 18.60 -5.30 17.77
N ARG A 420 19.65 -6.02 17.36
CA ARG A 420 19.55 -6.98 16.28
C ARG A 420 19.03 -8.25 16.94
N PHE A 421 18.27 -9.06 16.21
CA PHE A 421 17.80 -10.31 16.79
C PHE A 421 18.53 -11.48 16.11
N GLU A 422 18.86 -12.52 16.87
CA GLU A 422 19.54 -13.69 16.32
C GLU A 422 18.48 -14.63 15.80
N MET A 423 17.31 -14.66 16.48
CA MET A 423 16.17 -15.48 16.14
C MET A 423 14.85 -14.88 16.65
N PHE A 424 13.75 -15.13 15.91
CA PHE A 424 12.37 -14.84 16.29
C PHE A 424 11.41 -15.83 15.62
N SER A 425 10.25 -16.04 16.25
CA SER A 425 9.16 -16.85 15.79
C SER A 425 7.91 -16.25 16.39
N LEU A 426 7.04 -15.70 15.52
CA LEU A 426 5.81 -15.06 15.97
C LEU A 426 4.58 -15.80 15.40
N SER A 427 3.44 -15.85 16.17
CA SER A 427 2.19 -16.55 15.77
C SER A 427 1.02 -16.13 16.63
N GLY A 428 -0.18 -16.42 16.14
CA GLY A 428 -1.39 -16.06 16.85
C GLY A 428 -2.59 -16.91 16.48
N THR A 429 -3.60 -16.87 17.34
CA THR A 429 -4.85 -17.59 17.14
C THR A 429 -5.74 -16.68 16.32
N PHE A 430 -5.32 -16.42 15.08
CA PHE A 430 -6.06 -15.53 14.17
C PHE A 430 -7.36 -16.15 13.76
N GLY A 431 -8.44 -15.38 13.87
CA GLY A 431 -9.78 -15.78 13.43
C GLY A 431 -10.03 -15.31 12.01
N THR A 432 -8.95 -15.28 11.18
CA THR A 432 -8.97 -14.81 9.80
C THR A 432 -7.91 -15.53 8.97
N GLN A 433 -8.11 -15.55 7.63
CA GLN A 433 -7.12 -16.11 6.71
C GLN A 433 -6.32 -15.00 6.05
N TYR A 434 -6.66 -13.75 6.34
CA TYR A 434 -5.96 -12.59 5.78
C TYR A 434 -5.10 -11.91 6.81
N VAL A 435 -3.87 -12.39 6.90
CA VAL A 435 -2.82 -11.98 7.81
C VAL A 435 -1.64 -11.60 6.96
N PHE A 436 -1.09 -10.40 7.24
CA PHE A 436 0.02 -9.78 6.52
C PHE A 436 1.31 -9.74 7.38
N PRO A 437 2.37 -10.48 6.96
CA PRO A 437 3.60 -10.53 7.78
C PRO A 437 4.55 -9.38 7.53
N GLU A 438 4.74 -8.55 8.57
CA GLU A 438 5.61 -7.38 8.52
C GLU A 438 6.89 -7.59 9.32
N VAL A 439 8.02 -7.21 8.71
CA VAL A 439 9.34 -7.18 9.32
C VAL A 439 9.93 -5.82 8.93
N LEU A 440 10.17 -4.96 9.93
CA LEU A 440 10.72 -3.63 9.70
C LEU A 440 11.93 -3.35 10.55
N LEU A 441 13.01 -2.97 9.91
CA LEU A 441 14.26 -2.63 10.57
C LEU A 441 14.41 -1.12 10.75
N SER A 442 15.37 -0.72 11.59
CA SER A 442 15.78 0.68 11.78
C SER A 442 16.44 1.05 10.42
N GLU A 443 16.13 2.17 9.77
CA GLU A 443 15.16 3.25 9.98
C GLU A 443 14.29 3.09 8.72
N ASN A 444 13.16 2.36 8.91
CA ASN A 444 12.21 1.97 7.88
C ASN A 444 12.84 1.15 6.74
N GLN A 445 13.78 0.25 7.08
CA GLN A 445 14.39 -0.65 6.11
C GLN A 445 13.68 -2.00 6.13
N LEU A 446 13.48 -2.59 4.94
CA LEU A 446 12.86 -3.91 4.84
C LEU A 446 13.95 -4.95 5.02
N ALA A 447 13.57 -6.19 5.38
CA ALA A 447 14.52 -7.28 5.57
C ALA A 447 14.39 -8.42 4.52
N PRO A 448 14.75 -8.22 3.22
CA PRO A 448 14.69 -9.35 2.27
C PRO A 448 15.97 -10.23 2.23
N GLY A 449 15.88 -11.56 2.18
CA GLY A 449 14.80 -12.48 2.48
C GLY A 449 15.32 -13.11 3.76
N GLU A 450 15.10 -12.39 4.87
CA GLU A 450 15.61 -12.70 6.19
C GLU A 450 14.63 -13.48 7.06
N PHE A 451 13.36 -13.48 6.66
CA PHE A 451 12.28 -14.15 7.34
C PHE A 451 11.46 -14.93 6.33
N GLN A 452 10.60 -15.83 6.80
CA GLN A 452 9.75 -16.67 6.00
C GLN A 452 8.52 -16.94 6.85
N VAL A 453 7.40 -17.37 6.21
CA VAL A 453 6.18 -17.74 6.91
C VAL A 453 5.99 -19.24 6.70
N SER A 454 5.62 -19.94 7.78
CA SER A 454 5.40 -21.39 7.71
C SER A 454 3.93 -21.71 7.44
N THR A 455 3.67 -22.91 6.87
CA THR A 455 2.31 -23.42 6.58
C THR A 455 1.42 -23.41 7.85
N ASP A 456 2.08 -23.45 9.03
CA ASP A 456 1.57 -23.41 10.42
C ASP A 456 1.09 -22.02 10.87
N GLY A 457 1.50 -20.97 10.13
CA GLY A 457 1.18 -19.58 10.46
C GLY A 457 2.18 -18.88 11.37
N ARG A 458 3.46 -19.25 11.23
CA ARG A 458 4.56 -18.67 11.99
C ARG A 458 5.47 -17.77 11.15
N LEU A 459 5.70 -16.54 11.64
CA LEU A 459 6.61 -15.56 11.04
C LEU A 459 7.94 -15.75 11.79
N PHE A 460 8.95 -16.27 11.08
CA PHE A 460 10.22 -16.61 11.68
C PHE A 460 11.43 -16.15 10.90
N SER A 461 12.53 -15.88 11.60
CA SER A 461 13.82 -15.48 11.01
C SER A 461 14.55 -16.68 10.40
N LEU A 462 15.32 -16.46 9.33
CA LEU A 462 16.10 -17.47 8.61
C LEU A 462 17.61 -17.31 8.86
N LYS A 463 18.00 -16.13 9.35
CA LYS A 463 19.36 -15.70 9.62
C LYS A 463 19.22 -14.63 10.72
N PRO A 464 20.30 -14.23 11.44
CA PRO A 464 20.16 -13.06 12.33
C PRO A 464 19.88 -11.84 11.45
N THR A 465 19.01 -10.94 11.92
CA THR A 465 18.62 -9.72 11.22
C THR A 465 19.86 -8.85 10.85
N SER A 466 19.88 -8.28 9.64
CA SER A 466 21.01 -7.48 9.11
C SER A 466 21.14 -6.10 9.78
N GLY A 467 20.11 -5.72 10.51
CA GLY A 467 20.04 -4.44 11.18
C GLY A 467 19.16 -4.56 12.39
N PRO A 468 19.09 -3.50 13.22
CA PRO A 468 18.21 -3.57 14.39
C PRO A 468 16.74 -3.63 14.00
N VAL A 469 15.94 -4.30 14.83
CA VAL A 469 14.52 -4.56 14.65
C VAL A 469 13.64 -3.43 15.20
N LEU A 470 12.73 -2.87 14.36
CA LEU A 470 11.74 -1.88 14.82
C LEU A 470 10.48 -2.66 15.18
N THR A 471 10.12 -3.69 14.37
CA THR A 471 8.94 -4.54 14.60
C THR A 471 8.95 -5.79 13.76
N VAL A 472 8.26 -6.79 14.26
CA VAL A 472 7.95 -8.09 13.63
C VAL A 472 6.50 -8.25 14.01
N THR A 473 5.58 -8.03 13.03
CA THR A 473 4.13 -8.06 13.24
C THR A 473 3.39 -9.05 12.29
N LEU A 474 2.29 -9.59 12.76
CA LEU A 474 1.41 -10.43 11.98
C LEU A 474 0.16 -9.58 12.00
N PHE A 475 -0.09 -8.85 10.86
CA PHE A 475 -1.19 -7.90 10.74
C PHE A 475 -2.43 -8.58 10.17
N GLY A 476 -3.40 -8.89 11.03
CA GLY A 476 -4.62 -9.59 10.68
C GLY A 476 -5.79 -8.69 10.35
N ARG A 477 -6.66 -9.17 9.47
CA ARG A 477 -7.78 -8.40 8.98
C ARG A 477 -9.11 -9.22 8.92
N LEU A 478 -10.17 -8.82 9.66
CA LEU A 478 -11.48 -9.51 9.69
C LEU A 478 -12.48 -8.68 8.99
N TYR A 479 -12.55 -8.87 7.68
CA TYR A 479 -13.41 -8.06 6.81
C TYR A 479 -14.90 -8.11 7.17
N GLU A 480 -15.43 -9.24 7.67
CA GLU A 480 -16.87 -9.38 8.07
C GLU A 480 -17.27 -8.56 9.30
N LYS A 481 -16.30 -8.26 10.17
CA LYS A 481 -16.57 -7.56 11.43
C LYS A 481 -16.47 -6.04 11.31
N ASP A 482 -16.28 -5.51 10.09
CA ASP A 482 -16.13 -4.09 9.79
C ASP A 482 -17.39 -3.24 10.08
C1 NAG B . -6.68 -24.13 10.36
C2 NAG B . -7.93 -24.67 9.67
C3 NAG B . -8.96 -24.36 10.75
C4 NAG B . -8.71 -25.24 11.98
C5 NAG B . -7.31 -24.95 12.54
C6 NAG B . -6.84 -25.97 13.55
C7 NAG B . -7.91 -24.55 7.20
C8 NAG B . -8.64 -24.00 6.01
N2 NAG B . -8.29 -24.05 8.41
O3 NAG B . -10.29 -24.51 10.26
O4 NAG B . -9.70 -25.01 12.96
O5 NAG B . -6.33 -24.94 11.48
O6 NAG B . -7.01 -27.31 13.07
O7 NAG B . -7.04 -25.41 7.08
C1 NAG B . -10.36 -26.13 13.51
C2 NAG B . -11.10 -25.67 14.77
C3 NAG B . -11.75 -26.90 15.40
C4 NAG B . -12.68 -27.60 14.42
C5 NAG B . -11.94 -27.87 13.10
C6 NAG B . -12.83 -28.40 12.00
C7 NAG B . -10.12 -23.66 15.78
C8 NAG B . -9.14 -23.14 16.79
N2 NAG B . -10.24 -24.99 15.72
O3 NAG B . -12.48 -26.50 16.56
O4 NAG B . -13.12 -28.84 14.96
O5 NAG B . -11.33 -26.67 12.62
O6 NAG B . -12.06 -29.11 11.03
O7 NAG B . -10.77 -22.91 15.07
C1 BMA B . -14.42 -28.90 15.48
C2 BMA B . -15.01 -30.27 15.16
C3 BMA B . -16.41 -30.39 15.77
C4 BMA B . -16.44 -29.98 17.24
C5 BMA B . -15.69 -28.68 17.49
C6 BMA B . -15.47 -28.38 18.97
O2 BMA B . -14.16 -31.31 15.64
O3 BMA B . -16.91 -31.72 15.62
O4 BMA B . -17.80 -29.82 17.64
O5 BMA B . -14.38 -28.72 16.89
O6 BMA B . -14.71 -27.20 19.16
C1 NAG C . -4.33 -13.93 -19.97
C2 NAG C . -5.45 -14.95 -20.14
C3 NAG C . -4.88 -16.37 -19.98
C4 NAG C . -3.62 -16.56 -20.83
C5 NAG C . -2.62 -15.43 -20.58
C6 NAG C . -1.37 -15.50 -21.43
C7 NAG C . -7.63 -14.08 -19.38
C8 NAG C . -8.52 -13.86 -18.18
N2 NAG C . -6.47 -14.70 -19.13
O3 NAG C . -5.85 -17.31 -20.41
O4 NAG C . -3.07 -17.83 -20.50
O5 NAG C . -3.25 -14.19 -20.87
O6 NAG C . -1.68 -15.53 -22.81
O7 NAG C . -7.94 -13.68 -20.50
C1 NAG C . -2.82 -18.71 -21.55
C2 NAG C . -1.78 -19.70 -21.07
C3 NAG C . -1.52 -20.83 -22.07
C4 NAG C . -2.84 -21.42 -22.58
C5 NAG C . -3.82 -20.33 -22.99
C6 NAG C . -5.19 -20.86 -23.33
C7 NAG C . -0.11 -18.78 -19.54
C8 NAG C . 1.25 -18.18 -19.42
N2 NAG C . -0.56 -18.98 -20.78
O3 NAG C . -0.76 -21.81 -21.38
O4 NAG C . -2.58 -22.26 -23.70
O5 NAG C . -4.00 -19.41 -21.91
O6 NAG C . -5.76 -21.54 -22.21
O7 NAG C . -0.77 -19.10 -18.56
C1 BMA C . -2.60 -23.65 -23.52
C2 BMA C . -3.04 -24.26 -24.85
C3 BMA C . -2.97 -25.78 -24.72
C4 BMA C . -1.57 -26.22 -24.41
C5 BMA C . -1.16 -25.59 -23.08
C6 BMA C . 0.28 -25.90 -22.73
O2 BMA C . -2.19 -23.75 -25.88
O3 BMA C . -3.55 -26.56 -25.77
O4 BMA C . -1.57 -27.63 -24.23
O5 BMA C . -1.30 -24.15 -23.16
O6 BMA C . 0.58 -25.67 -21.38
C1 BMA C . 1.32 -24.53 -21.27
C2 BMA C . 1.37 -24.06 -19.83
C3 BMA C . 1.81 -22.60 -19.93
C4 BMA C . 3.16 -22.49 -20.65
C5 BMA C . 3.14 -23.26 -21.98
C6 BMA C . 4.44 -23.36 -22.72
O2 BMA C . 2.27 -24.88 -19.08
O3 BMA C . 1.65 -21.83 -18.74
O4 BMA C . 3.38 -21.13 -20.98
O5 BMA C . 2.64 -24.59 -21.79
O6 BMA C . 5.35 -24.28 -22.14
C1 BMA C . 2.07 -22.24 -17.47
C2 BMA C . 2.24 -21.04 -16.55
C3 BMA C . 2.91 -21.54 -15.27
C4 BMA C . 2.11 -22.70 -14.65
C5 BMA C . 1.75 -23.76 -15.69
C6 BMA C . 0.77 -24.79 -15.20
O2 BMA C . 0.96 -20.50 -16.24
O3 BMA C . 3.07 -20.47 -14.36
O4 BMA C . 2.91 -23.32 -13.63
O5 BMA C . 1.17 -23.15 -16.86
O6 BMA C . 0.53 -25.73 -16.24
C1 BMA C . -3.86 -25.99 -26.95
C2 BMA C . -3.76 -27.00 -28.05
C3 BMA C . -3.68 -26.18 -29.32
C4 BMA C . -4.80 -25.14 -29.42
C5 BMA C . -5.12 -24.46 -28.09
C6 BMA C . -6.45 -23.72 -28.08
O2 BMA C . -4.89 -27.88 -28.05
O3 BMA C . -3.64 -27.05 -30.45
O4 BMA C . -4.38 -24.11 -30.29
O5 BMA C . -5.14 -25.40 -27.00
O6 BMA C . -6.47 -22.73 -27.07
C1 NAG D . 4.60 11.05 -29.35
C2 NAG D . 4.59 12.51 -28.90
C3 NAG D . 3.68 13.28 -29.87
C4 NAG D . 4.13 13.10 -31.32
C5 NAG D . 4.24 11.62 -31.68
C6 NAG D . 4.92 11.39 -33.02
C7 NAG D . 4.86 12.53 -26.43
C8 NAG D . 4.22 12.98 -25.15
N2 NAG D . 4.12 12.66 -27.53
O3 NAG D . 3.68 14.66 -29.54
O4 NAG D . 3.20 13.75 -32.18
O5 NAG D . 5.06 10.93 -30.70
O6 NAG D . 5.81 10.26 -33.00
O7 NAG D . 6.00 12.06 -26.46
N3 9SS E . -2.34 6.13 5.77
C4 9SS E . -3.19 6.54 4.77
N2 9SS E . -2.61 7.35 3.79
C7 9SS E . -1.85 4.37 7.50
C6 9SS E . -3.09 3.91 6.77
C9 9SS E . -3.17 7.43 8.31
C13 9SS E . -6.27 9.81 0.14
C8 9SS E . -3.65 6.21 7.81
N5 9SS E . -5.74 6.62 8.95
C18 9SS E . -3.56 12.27 2.24
C16 9SS E . -4.02 11.15 1.44
C1 9SS E . -3.45 7.81 2.86
C2 9SS E . -4.82 7.52 2.84
C3 9SS E . -5.29 6.63 3.81
N1 9SS E . -4.52 6.13 4.80
C5 9SS E . -2.81 5.40 6.92
N4 9SS E . -3.92 8.24 9.12
C10 9SS E . -5.17 7.77 9.40
C11 9SS E . -4.96 5.85 8.15
C12 9SS E . -5.70 7.98 1.76
O1 9SS E . -6.44 7.20 1.17
N6 9SS E . -5.68 9.33 1.40
C14 9SS E . -5.17 10.51 -0.69
C15 9SS E . -4.59 11.67 0.11
C17 9SS E . -5.12 10.40 2.23
N7 9SS E . -3.19 13.15 2.88
H3 9SS E . -1.36 6.39 5.73
H7 9SS E . -0.86 4.21 7.06
H6 9SS E . -1.77 4.26 8.59
H5 9SS E . -3.90 3.42 7.32
H4 9SS E . -3.02 3.44 5.79
H8 9SS E . -2.17 7.81 8.08
H12 9SS E . -7.11 10.51 0.35
H11 9SS E . -6.72 8.98 -0.45
H17 9SS E . -3.15 10.49 1.23
H1 9SS E . -2.97 8.43 2.08
H2 9SS E . -6.33 6.28 3.81
H9 9SS E . -5.79 8.41 10.06
H10 9SS E . -5.44 4.94 7.76
H14 9SS E . -5.59 10.87 -1.65
H13 9SS E . -4.38 9.79 -0.98
H15 9SS E . -3.79 12.18 -0.48
H16 9SS E . -5.35 12.45 0.28
H19 9SS E . -4.70 10.01 3.20
H18 9SS E . -5.92 11.10 2.53
C1 NAG F . 12.18 -20.89 24.50
C2 NAG F . 13.32 -21.35 25.41
C3 NAG F . 14.26 -22.28 24.64
C4 NAG F . 13.48 -23.43 23.99
C5 NAG F . 12.36 -22.86 23.11
C6 NAG F . 11.47 -23.91 22.50
C7 NAG F . 13.77 -19.63 27.14
C8 NAG F . 14.80 -18.66 27.66
N2 NAG F . 14.07 -20.23 25.97
O3 NAG F . 15.25 -22.80 25.51
O4 NAG F . 14.36 -24.24 23.22
O5 NAG F . 11.51 -22.00 23.89
O6 NAG F . 10.62 -24.53 23.46
O7 NAG F . 12.73 -19.86 27.74
NA NA G . -11.32 17.38 -0.02
#